data_3V5P
#
_entry.id   3V5P
#
_cell.length_a   48.160
_cell.length_b   73.510
_cell.length_c   66.770
_cell.angle_alpha   90.000
_cell.angle_beta   100.280
_cell.angle_gamma   90.000
#
_symmetry.space_group_name_H-M   'P 1 21 1'
#
loop_
_entity.id
_entity.type
_entity.pdbx_description
1 polymer 'Calmodulin-domain protein kinase 1'
2 non-polymer 3-(4-methoxy-3-methylphenyl)-1-(piperidin-4-ylmethyl)-1H-pyrazolo[3,4-d]pyrimidin-4-amine
3 water water
#
_entity_poly.entity_id   1
_entity_poly.type   'polypeptide(L)'
_entity_poly.pdbx_seq_one_letter_code
;GPGSMMDHLHATPGMFVQHSTAIFSDRYKGQRVLGKGSFGEVILCKDKITGQECAVKVISKRQVKQKTDKESLLREVQLL
KQLDHPNIMKLYEFFEDKGYFYLVGEVYTGGELFDEIISRKRFSEVDAARIIRQVLSGITYMHKNKIVHRDLKPENLLLE
SKSKDANIRIIDFGLSTHFEASKKMKDKIGTAYYIAPEVLHGTYDEKCDVWSTGVILYILLSGCPPFNGANEYDILKKVE
KGKYTFELPQWKKVSESAKDLIRKMLTYVPSMRISARDALDHEWIQTYTKEQISVDVPSLDNAILNIRQFQGTQKLAQAA
LLYMGSKLTSQDETKELTAIFHKMDKNGDGQLDRAELIEGYKELMRMKGQDASMLDASAVEHEVDQVLDAVDFDKNGYIE
YSEFVTVAMDRKTLLSRERLERAFRMFDSDNSGKISSTELATIFGVSDVDSETWKSVLSEVDKNNDGEVDFDEFQQMLLK
LCGN
;
_entity_poly.pdbx_strand_id   A
#
loop_
_chem_comp.id
_chem_comp.type
_chem_comp.name
_chem_comp.formula
C88 non-polymer 3-(4-methoxy-3-methylphenyl)-1-(piperidin-4-ylmethyl)-1H-pyrazolo[3,4-d]pyrimidin-4-amine 'C19 H24 N6 O'
#
# COMPACT_ATOMS: atom_id res chain seq x y z
N SER A 20 -5.96 -19.43 28.39
CA SER A 20 -6.44 -20.35 27.32
C SER A 20 -6.59 -19.61 25.99
N THR A 21 -7.63 -18.78 25.86
CA THR A 21 -7.77 -17.91 24.68
C THR A 21 -6.72 -16.81 24.79
N ALA A 22 -5.54 -17.06 24.22
CA ALA A 22 -4.38 -16.17 24.38
C ALA A 22 -4.61 -14.77 23.80
N ILE A 23 -4.02 -13.77 24.46
CA ILE A 23 -4.21 -12.35 24.14
C ILE A 23 -2.97 -11.83 23.44
N PHE A 24 -3.17 -11.07 22.36
CA PHE A 24 -2.05 -10.57 21.56
C PHE A 24 -1.04 -9.79 22.40
N SER A 25 -1.53 -8.83 23.18
CA SER A 25 -0.66 -7.89 23.88
C SER A 25 -0.02 -8.45 25.15
N ASP A 26 -0.48 -9.62 25.60
CA ASP A 26 0.21 -10.37 26.66
C ASP A 26 1.53 -10.93 26.13
N ARG A 27 1.59 -11.14 24.81
CA ARG A 27 2.77 -11.71 24.20
C ARG A 27 3.67 -10.70 23.47
N TYR A 28 3.08 -9.68 22.87
CA TYR A 28 3.83 -8.72 22.05
C TYR A 28 3.64 -7.28 22.49
N LYS A 29 4.72 -6.50 22.39
CA LYS A 29 4.69 -5.05 22.55
C LYS A 29 4.98 -4.40 21.20
N GLY A 30 4.30 -3.29 20.94
CA GLY A 30 4.53 -2.54 19.71
C GLY A 30 5.77 -1.69 19.88
N GLN A 31 6.58 -1.63 18.83
CA GLN A 31 7.81 -0.86 18.87
C GLN A 31 7.67 0.37 18.00
N ARG A 32 7.26 0.17 16.76
CA ARG A 32 7.02 1.27 15.83
C ARG A 32 6.12 0.87 14.66
N VAL A 33 5.75 1.84 13.83
CA VAL A 33 4.86 1.60 12.69
C VAL A 33 5.69 1.23 11.47
N LEU A 34 5.20 0.27 10.69
CA LEU A 34 5.86 -0.11 9.44
C LEU A 34 5.14 0.51 8.25
N GLY A 35 3.87 0.86 8.43
CA GLY A 35 3.11 1.56 7.41
C GLY A 35 1.72 0.98 7.23
N LYS A 36 1.13 1.32 6.09
CA LYS A 36 -0.25 0.95 5.76
C LYS A 36 -0.18 -0.10 4.67
N GLY A 37 -0.86 -1.22 4.88
CA GLY A 37 -1.04 -2.24 3.88
C GLY A 37 -2.51 -2.41 3.61
N SER A 38 -2.85 -3.39 2.79
CA SER A 38 -4.25 -3.73 2.53
C SER A 38 -4.85 -4.33 3.79
N PHE A 39 -6.10 -3.95 4.07
CA PHE A 39 -6.94 -4.44 5.19
C PHE A 39 -6.60 -3.88 6.58
N GLY A 40 -5.43 -3.24 6.72
CA GLY A 40 -5.04 -2.62 7.99
C GLY A 40 -3.62 -2.13 8.03
N GLU A 41 -3.24 -1.60 9.20
CA GLU A 41 -1.88 -1.09 9.42
C GLU A 41 -0.95 -2.19 9.90
N VAL A 42 0.34 -2.03 9.63
CA VAL A 42 1.35 -2.97 10.05
C VAL A 42 2.26 -2.32 11.09
N ILE A 43 2.40 -2.99 12.24
CA ILE A 43 3.24 -2.51 13.35
C ILE A 43 4.46 -3.43 13.51
N LEU A 44 5.65 -2.88 13.73
CA LEU A 44 6.80 -3.70 14.15
C LEU A 44 6.62 -3.99 15.63
N CYS A 45 6.62 -5.28 15.97
CA CYS A 45 6.37 -5.72 17.34
C CYS A 45 7.48 -6.64 17.86
N LYS A 46 7.49 -6.86 19.16
CA LYS A 46 8.54 -7.64 19.77
C LYS A 46 7.97 -8.56 20.84
N ASP A 47 8.32 -9.84 20.77
CA ASP A 47 7.94 -10.82 21.78
C ASP A 47 8.52 -10.40 23.13
N LYS A 48 7.67 -10.31 24.15
CA LYS A 48 8.07 -9.79 25.45
C LYS A 48 9.00 -10.71 26.23
N ILE A 49 9.12 -11.96 25.79
CA ILE A 49 9.96 -12.93 26.47
C ILE A 49 11.20 -13.31 25.67
N THR A 50 11.01 -13.66 24.39
CA THR A 50 12.12 -14.13 23.56
C THR A 50 12.87 -13.02 22.82
N GLY A 51 12.27 -11.83 22.72
CA GLY A 51 12.86 -10.72 21.98
C GLY A 51 12.78 -10.84 20.46
N GLN A 52 11.98 -11.77 19.93
CA GLN A 52 11.81 -11.86 18.48
C GLN A 52 10.96 -10.70 17.94
N GLU A 53 11.50 -10.07 16.90
CA GLU A 53 10.81 -9.02 16.16
C GLU A 53 9.90 -9.66 15.16
N CYS A 54 8.74 -9.04 14.95
CA CYS A 54 7.77 -9.52 13.98
CA CYS A 54 7.72 -9.53 14.04
C CYS A 54 6.98 -8.33 13.44
N ALA A 55 6.43 -8.51 12.24
CA ALA A 55 5.52 -7.53 11.65
C ALA A 55 4.11 -8.00 11.98
N VAL A 56 3.30 -7.13 12.58
CA VAL A 56 1.93 -7.49 12.95
C VAL A 56 0.97 -6.64 12.14
N LYS A 57 0.18 -7.28 11.28
CA LYS A 57 -0.91 -6.60 10.58
C LYS A 57 -2.17 -6.70 11.42
N VAL A 58 -2.76 -5.54 11.69
CA VAL A 58 -3.92 -5.41 12.57
C VAL A 58 -5.14 -5.03 11.72
N ILE A 59 -6.11 -5.92 11.65
CA ILE A 59 -7.30 -5.72 10.83
C ILE A 59 -8.44 -5.36 11.75
N SER A 60 -8.99 -4.16 11.53
CA SER A 60 -10.11 -3.66 12.29
C SER A 60 -11.42 -4.29 11.81
N LYS A 61 -12.04 -5.10 12.66
CA LYS A 61 -13.32 -5.77 12.33
C LYS A 61 -14.42 -4.76 11.98
N ARG A 62 -14.42 -3.63 12.66
CA ARG A 62 -15.38 -2.55 12.39
C ARG A 62 -15.20 -1.94 10.99
N GLN A 63 -13.96 -1.81 10.55
CA GLN A 63 -13.62 -1.15 9.27
C GLN A 63 -13.60 -2.11 8.07
N VAL A 64 -13.32 -3.39 8.31
CA VAL A 64 -13.17 -4.39 7.26
C VAL A 64 -14.12 -5.57 7.50
N LYS A 65 -15.05 -5.78 6.56
CA LYS A 65 -16.02 -6.88 6.64
C LYS A 65 -15.42 -8.22 6.19
N GLN A 66 -15.78 -9.29 6.88
CA GLN A 66 -15.39 -10.65 6.52
C GLN A 66 -16.26 -11.20 5.39
N LYS A 67 -15.65 -11.95 4.48
CA LYS A 67 -16.38 -12.63 3.40
C LYS A 67 -16.75 -14.08 3.77
N THR A 68 -16.07 -14.63 4.77
CA THR A 68 -16.23 -16.02 5.19
C THR A 68 -16.58 -16.12 6.67
N ASP A 69 -17.04 -17.30 7.08
CA ASP A 69 -17.35 -17.55 8.49
C ASP A 69 -16.05 -17.78 9.27
N LYS A 70 -16.14 -17.71 10.60
CA LYS A 70 -14.97 -17.82 11.46
C LYS A 70 -14.17 -19.10 11.22
N GLU A 71 -14.86 -20.23 11.13
CA GLU A 71 -14.21 -21.52 10.99
C GLU A 71 -13.44 -21.69 9.68
N SER A 72 -13.83 -20.94 8.65
CA SER A 72 -13.16 -20.95 7.35
C SER A 72 -11.85 -20.16 7.41
N LEU A 73 -11.88 -19.01 8.08
CA LEU A 73 -10.69 -18.21 8.28
C LEU A 73 -9.66 -18.94 9.14
N LEU A 74 -10.12 -19.58 10.22
CA LEU A 74 -9.25 -20.34 11.11
C LEU A 74 -8.50 -21.43 10.34
N ARG A 75 -9.19 -22.11 9.43
CA ARG A 75 -8.62 -23.24 8.70
C ARG A 75 -7.60 -22.77 7.66
N GLU A 76 -7.90 -21.65 7.00
CA GLU A 76 -6.95 -21.04 6.08
C GLU A 76 -5.70 -20.65 6.86
N VAL A 77 -5.90 -20.05 8.04
CA VAL A 77 -4.78 -19.58 8.85
C VAL A 77 -3.90 -20.73 9.33
N GLN A 78 -4.52 -21.81 9.82
CA GLN A 78 -3.79 -23.02 10.21
C GLN A 78 -2.93 -23.58 9.06
N LEU A 79 -3.45 -23.50 7.83
CA LEU A 79 -2.70 -23.93 6.65
C LEU A 79 -1.56 -22.95 6.33
N LEU A 80 -1.85 -21.65 6.34
CA LEU A 80 -0.82 -20.66 6.06
C LEU A 80 0.38 -20.71 7.03
N LYS A 81 0.10 -20.95 8.31
CA LYS A 81 1.17 -21.10 9.31
C LYS A 81 2.12 -22.25 9.00
N GLN A 82 1.60 -23.30 8.37
CA GLN A 82 2.40 -24.48 8.06
C GLN A 82 3.13 -24.38 6.73
N LEU A 83 2.73 -23.47 5.86
CA LEU A 83 3.35 -23.37 4.54
C LEU A 83 4.70 -22.66 4.65
N ASP A 84 5.64 -23.02 3.77
CA ASP A 84 6.99 -22.48 3.82
C ASP A 84 7.61 -22.43 2.42
N HIS A 85 7.98 -21.23 2.00
CA HIS A 85 8.59 -21.03 0.68
C HIS A 85 9.41 -19.78 0.72
N PRO A 86 10.57 -19.77 0.04
CA PRO A 86 11.48 -18.60 0.16
C PRO A 86 10.94 -17.26 -0.38
N ASN A 87 9.96 -17.31 -1.27
CA ASN A 87 9.40 -16.10 -1.86
C ASN A 87 8.01 -15.74 -1.32
N ILE A 88 7.62 -16.33 -0.18
CA ILE A 88 6.32 -16.09 0.46
C ILE A 88 6.51 -15.69 1.93
N MET A 89 5.82 -14.64 2.36
CA MET A 89 5.95 -14.20 3.75
C MET A 89 5.65 -15.37 4.69
N LYS A 90 6.42 -15.48 5.76
CA LYS A 90 6.15 -16.47 6.80
C LYS A 90 5.17 -15.88 7.79
N LEU A 91 4.10 -16.62 8.05
CA LEU A 91 3.12 -16.30 9.08
C LEU A 91 3.41 -17.19 10.27
N TYR A 92 3.59 -16.59 11.44
CA TYR A 92 3.83 -17.33 12.69
C TYR A 92 2.59 -17.53 13.52
N GLU A 93 1.76 -16.48 13.63
CA GLU A 93 0.68 -16.48 14.63
C GLU A 93 -0.56 -15.71 14.17
N PHE A 94 -1.66 -15.94 14.88
CA PHE A 94 -2.95 -15.32 14.62
C PHE A 94 -3.73 -15.16 15.92
N PHE A 95 -4.24 -13.96 16.19
CA PHE A 95 -5.06 -13.70 17.38
C PHE A 95 -6.35 -13.00 16.96
N GLU A 96 -7.37 -13.13 17.80
CA GLU A 96 -8.64 -12.47 17.59
C GLU A 96 -9.16 -11.98 18.92
N ASP A 97 -9.52 -10.70 19.01
CA ASP A 97 -10.20 -10.18 20.19
C ASP A 97 -11.54 -9.59 19.76
N LYS A 98 -12.17 -8.83 20.66
CA LYS A 98 -13.42 -8.14 20.38
C LYS A 98 -13.39 -7.44 19.02
N GLY A 99 -12.44 -6.53 18.85
CA GLY A 99 -12.44 -5.63 17.70
C GLY A 99 -11.45 -5.87 16.58
N TYR A 100 -10.59 -6.88 16.70
CA TYR A 100 -9.46 -7.00 15.76
C TYR A 100 -9.01 -8.41 15.44
N PHE A 101 -8.32 -8.54 14.30
CA PHE A 101 -7.52 -9.72 13.99
C PHE A 101 -6.07 -9.26 13.97
N TYR A 102 -5.17 -10.09 14.45
CA TYR A 102 -3.75 -9.79 14.43
C TYR A 102 -3.03 -10.89 13.68
N LEU A 103 -2.38 -10.53 12.59
CA LEU A 103 -1.61 -11.50 11.83
C LEU A 103 -0.13 -11.21 12.12
N VAL A 104 0.58 -12.18 12.69
CA VAL A 104 1.98 -11.98 13.13
C VAL A 104 2.89 -12.71 12.18
N GLY A 105 3.73 -11.98 11.43
CA GLY A 105 4.64 -12.62 10.48
C GLY A 105 6.08 -12.16 10.59
N GLU A 106 6.91 -12.69 9.70
CA GLU A 106 8.31 -12.29 9.61
C GLU A 106 8.37 -10.86 9.10
N VAL A 107 9.28 -10.06 9.65
CA VAL A 107 9.48 -8.67 9.20
C VAL A 107 10.57 -8.61 8.13
N TYR A 108 10.31 -7.89 7.05
CA TYR A 108 11.30 -7.64 5.98
C TYR A 108 11.61 -6.16 5.88
N THR A 109 12.89 -5.86 5.63
CA THR A 109 13.43 -4.52 5.77
C THR A 109 13.95 -3.96 4.46
N GLY A 110 13.80 -4.68 3.36
CA GLY A 110 14.30 -4.23 2.05
C GLY A 110 13.36 -3.30 1.30
N GLY A 111 12.14 -3.13 1.81
CA GLY A 111 11.14 -2.26 1.18
C GLY A 111 10.51 -2.86 -0.07
N GLU A 112 9.75 -2.04 -0.81
CA GLU A 112 9.09 -2.48 -2.02
C GLU A 112 10.06 -2.62 -3.19
N LEU A 113 9.87 -3.67 -3.98
CA LEU A 113 10.73 -3.94 -5.13
C LEU A 113 10.96 -2.71 -6.00
N PHE A 114 9.89 -2.03 -6.39
CA PHE A 114 9.96 -0.93 -7.36
C PHE A 114 10.80 0.26 -6.87
N ASP A 115 10.82 0.51 -5.56
CA ASP A 115 11.65 1.57 -5.00
C ASP A 115 13.14 1.20 -5.06
N GLU A 116 13.44 -0.09 -4.95
CA GLU A 116 14.81 -0.56 -5.14
C GLU A 116 15.20 -0.49 -6.62
N ILE A 117 14.29 -0.89 -7.50
CA ILE A 117 14.57 -0.87 -8.94
C ILE A 117 14.90 0.54 -9.43
N ILE A 118 14.15 1.54 -8.97
CA ILE A 118 14.35 2.91 -9.44
C ILE A 118 15.68 3.51 -8.92
N SER A 119 16.25 2.89 -7.88
CA SER A 119 17.58 3.29 -7.35
C SER A 119 18.76 2.68 -8.11
N ARG A 120 18.48 1.89 -9.15
CA ARG A 120 19.55 1.25 -9.94
C ARG A 120 19.96 2.10 -11.12
N LYS A 121 21.26 2.09 -11.40
CA LYS A 121 21.80 2.76 -12.56
C LYS A 121 21.39 2.00 -13.81
N ARG A 122 21.45 0.67 -13.75
CA ARG A 122 21.07 -0.18 -14.87
C ARG A 122 20.18 -1.37 -14.49
N PHE A 123 19.37 -1.81 -15.46
CA PHE A 123 18.39 -2.88 -15.29
C PHE A 123 18.14 -3.55 -16.63
N SER A 124 18.36 -4.86 -16.70
CA SER A 124 18.28 -5.60 -17.96
C SER A 124 17.24 -6.72 -17.90
N GLU A 125 17.08 -7.45 -19.00
CA GLU A 125 16.16 -8.59 -19.02
C GLU A 125 16.56 -9.67 -18.01
N VAL A 126 17.87 -9.78 -17.73
CA VAL A 126 18.36 -10.75 -16.75
C VAL A 126 17.89 -10.38 -15.33
N ASP A 127 17.84 -9.08 -15.06
CA ASP A 127 17.33 -8.58 -13.80
C ASP A 127 15.82 -8.76 -13.72
N ALA A 128 15.13 -8.47 -14.83
CA ALA A 128 13.68 -8.66 -14.94
C ALA A 128 13.31 -10.14 -14.79
N ALA A 129 14.12 -11.03 -15.34
CA ALA A 129 13.87 -12.48 -15.30
C ALA A 129 14.04 -13.08 -13.92
N ARG A 130 15.11 -12.68 -13.22
CA ARG A 130 15.37 -13.18 -11.88
C ARG A 130 14.29 -12.76 -10.91
N ILE A 131 13.79 -11.55 -11.09
CA ILE A 131 12.64 -11.04 -10.33
C ILE A 131 11.38 -11.86 -10.57
N ILE A 132 11.02 -12.05 -11.84
CA ILE A 132 9.79 -12.74 -12.21
C ILE A 132 9.84 -14.25 -11.90
N ARG A 133 11.01 -14.88 -12.00
CA ARG A 133 11.15 -16.29 -11.64
C ARG A 133 10.80 -16.52 -10.18
N GLN A 134 11.25 -15.59 -9.33
CA GLN A 134 10.94 -15.62 -7.92
C GLN A 134 9.45 -15.49 -7.70
N VAL A 135 8.79 -14.55 -8.37
CA VAL A 135 7.37 -14.34 -8.12
C VAL A 135 6.62 -15.58 -8.57
N LEU A 136 6.89 -16.05 -9.79
CA LEU A 136 6.25 -17.27 -10.30
C LEU A 136 6.49 -18.49 -9.40
N SER A 137 7.70 -18.63 -8.87
CA SER A 137 8.03 -19.73 -8.00
C SER A 137 7.23 -19.68 -6.69
N GLY A 138 6.99 -18.48 -6.17
CA GLY A 138 6.16 -18.32 -4.98
C GLY A 138 4.71 -18.63 -5.31
N ILE A 139 4.26 -18.15 -6.46
CA ILE A 139 2.88 -18.33 -6.89
C ILE A 139 2.60 -19.82 -7.13
N THR A 140 3.51 -20.47 -7.85
CA THR A 140 3.36 -21.89 -8.16
C THR A 140 3.16 -22.73 -6.90
N TYR A 141 3.94 -22.47 -5.85
CA TYR A 141 3.80 -23.20 -4.59
C TYR A 141 2.45 -22.97 -3.89
N MET A 142 2.00 -21.72 -3.88
CA MET A 142 0.76 -21.38 -3.24
C MET A 142 -0.43 -21.96 -3.97
N HIS A 143 -0.37 -22.01 -5.31
CA HIS A 143 -1.40 -22.66 -6.13
C HIS A 143 -1.45 -24.16 -5.94
N LYS A 144 -0.29 -24.81 -5.86
CA LYS A 144 -0.25 -26.21 -5.41
C LYS A 144 -1.03 -26.45 -4.11
N ASN A 145 -1.02 -25.46 -3.21
CA ASN A 145 -1.74 -25.53 -1.93
C ASN A 145 -3.13 -24.85 -1.93
N LYS A 146 -3.63 -24.55 -3.13
CA LYS A 146 -5.01 -24.09 -3.33
C LYS A 146 -5.28 -22.69 -2.81
N ILE A 147 -4.22 -21.88 -2.68
CA ILE A 147 -4.34 -20.49 -2.24
C ILE A 147 -4.10 -19.56 -3.42
N VAL A 148 -5.01 -18.60 -3.60
CA VAL A 148 -4.99 -17.61 -4.66
C VAL A 148 -4.76 -16.25 -4.02
N HIS A 149 -3.94 -15.41 -4.64
CA HIS A 149 -3.74 -14.06 -4.16
C HIS A 149 -4.83 -13.14 -4.64
N ARG A 150 -5.00 -13.05 -5.97
CA ARG A 150 -5.99 -12.17 -6.60
C ARG A 150 -5.56 -10.69 -6.72
N ASP A 151 -4.86 -10.18 -5.71
CA ASP A 151 -4.50 -8.77 -5.65
C ASP A 151 -2.98 -8.60 -5.71
N LEU A 152 -2.31 -9.42 -6.52
N LEU A 152 -2.30 -9.43 -6.51
CA LEU A 152 -0.87 -9.30 -6.68
CA LEU A 152 -0.86 -9.29 -6.69
C LEU A 152 -0.56 -7.99 -7.39
C LEU A 152 -0.58 -7.96 -7.38
N LYS A 153 0.40 -7.24 -6.85
CA LYS A 153 0.85 -5.99 -7.42
C LYS A 153 2.22 -5.67 -6.83
N PRO A 154 2.97 -4.75 -7.44
CA PRO A 154 4.32 -4.40 -6.98
C PRO A 154 4.42 -4.07 -5.48
N GLU A 155 3.38 -3.43 -4.95
CA GLU A 155 3.29 -3.06 -3.53
C GLU A 155 3.27 -4.28 -2.58
N ASN A 156 2.89 -5.45 -3.12
CA ASN A 156 2.85 -6.70 -2.37
C ASN A 156 4.12 -7.54 -2.52
N LEU A 157 5.13 -6.95 -3.16
CA LEU A 157 6.42 -7.57 -3.39
C LEU A 157 7.48 -6.86 -2.60
N LEU A 158 7.89 -7.48 -1.50
CA LEU A 158 8.84 -6.90 -0.56
C LEU A 158 10.19 -7.54 -0.78
N LEU A 159 11.25 -6.80 -0.48
CA LEU A 159 12.61 -7.32 -0.54
C LEU A 159 13.01 -7.70 0.88
N GLU A 160 13.61 -8.88 1.01
CA GLU A 160 13.80 -9.51 2.32
C GLU A 160 14.62 -8.65 3.26
N SER A 161 15.67 -8.04 2.72
CA SER A 161 16.49 -7.08 3.45
C SER A 161 17.18 -6.13 2.44
N LYS A 162 18.09 -5.30 2.94
CA LYS A 162 18.74 -4.27 2.12
C LYS A 162 19.82 -4.80 1.17
N SER A 163 20.17 -6.09 1.29
CA SER A 163 21.27 -6.68 0.49
C SER A 163 21.09 -6.59 -1.02
N LYS A 164 22.19 -6.82 -1.74
CA LYS A 164 22.21 -6.72 -3.20
C LYS A 164 21.39 -7.85 -3.85
N ASP A 165 21.66 -9.07 -3.44
CA ASP A 165 20.96 -10.25 -3.97
C ASP A 165 19.76 -10.62 -3.10
N ALA A 166 18.93 -9.63 -2.79
CA ALA A 166 17.83 -9.81 -1.84
C ALA A 166 16.70 -10.64 -2.47
N ASN A 167 16.23 -11.64 -1.75
CA ASN A 167 15.05 -12.40 -2.17
C ASN A 167 13.80 -11.54 -2.05
N ILE A 168 12.85 -11.78 -2.96
CA ILE A 168 11.52 -11.18 -2.94
C ILE A 168 10.63 -11.99 -2.02
N ARG A 169 9.77 -11.31 -1.27
CA ARG A 169 8.78 -11.97 -0.42
C ARG A 169 7.40 -11.42 -0.74
N ILE A 170 6.50 -12.27 -1.23
CA ILE A 170 5.15 -11.85 -1.59
C ILE A 170 4.34 -11.74 -0.29
N ILE A 171 3.67 -10.61 -0.07
CA ILE A 171 2.80 -10.45 1.07
C ILE A 171 1.33 -10.53 0.66
N ASP A 172 0.48 -10.87 1.63
CA ASP A 172 -0.98 -10.91 1.47
C ASP A 172 -1.63 -12.11 0.73
N PHE A 173 -0.90 -13.19 0.47
CA PHE A 173 -1.55 -14.38 -0.09
C PHE A 173 -2.66 -14.87 0.84
N GLY A 174 -3.83 -15.12 0.28
CA GLY A 174 -4.95 -15.72 1.01
C GLY A 174 -5.94 -14.75 1.64
N LEU A 175 -5.54 -13.52 1.87
CA LEU A 175 -6.39 -12.57 2.59
C LEU A 175 -7.63 -12.14 1.80
N SER A 176 -7.52 -12.02 0.48
CA SER A 176 -8.63 -11.52 -0.35
C SER A 176 -9.82 -12.46 -0.35
N THR A 177 -9.56 -13.75 -0.15
CA THR A 177 -10.62 -14.73 -0.02
C THR A 177 -11.51 -14.49 1.20
N HIS A 178 -10.93 -13.97 2.28
CA HIS A 178 -11.63 -13.85 3.57
C HIS A 178 -12.08 -12.47 3.94
N PHE A 179 -11.48 -11.44 3.34
CA PHE A 179 -11.81 -10.06 3.66
C PHE A 179 -12.19 -9.27 2.41
N GLU A 180 -13.05 -8.28 2.58
CA GLU A 180 -13.53 -7.50 1.47
C GLU A 180 -12.69 -6.24 1.30
N ALA A 181 -12.25 -5.99 0.06
CA ALA A 181 -11.41 -4.84 -0.24
C ALA A 181 -12.13 -3.52 0.05
N SER A 182 -11.36 -2.50 0.41
CA SER A 182 -11.90 -1.15 0.63
C SER A 182 -12.36 -0.56 -0.70
N LYS A 183 -13.41 0.24 -0.67
CA LYS A 183 -13.88 0.94 -1.88
C LYS A 183 -13.35 2.38 -1.94
N LYS A 184 -12.47 2.74 -1.00
CA LYS A 184 -11.92 4.09 -0.87
C LYS A 184 -10.63 4.21 -1.67
N MET A 185 -10.49 5.31 -2.40
CA MET A 185 -9.42 5.47 -3.39
C MET A 185 -8.02 5.45 -2.76
N LYS A 186 -7.93 6.00 -1.54
CA LYS A 186 -6.69 5.97 -0.76
C LYS A 186 -6.20 4.54 -0.44
N ASP A 187 -7.08 3.55 -0.55
CA ASP A 187 -6.72 2.14 -0.31
C ASP A 187 -6.53 1.34 -1.59
N LYS A 188 -6.98 1.88 -2.72
CA LYS A 188 -6.94 1.12 -3.96
C LYS A 188 -6.18 1.85 -5.07
N ILE A 189 -5.20 2.68 -4.69
CA ILE A 189 -4.24 3.27 -5.64
C ILE A 189 -3.42 2.14 -6.22
N GLY A 190 -3.38 2.07 -7.54
CA GLY A 190 -2.54 1.10 -8.22
C GLY A 190 -3.21 -0.22 -8.49
N THR A 191 -4.32 -0.51 -7.82
CA THR A 191 -4.95 -1.83 -7.95
C THR A 191 -5.43 -2.12 -9.36
N ALA A 192 -5.95 -1.09 -10.05
CA ALA A 192 -6.62 -1.28 -11.33
C ALA A 192 -5.70 -1.86 -12.43
N TYR A 193 -4.42 -1.49 -12.44
CA TYR A 193 -3.54 -1.92 -13.54
C TYR A 193 -3.31 -3.44 -13.51
N TYR A 194 -3.49 -4.09 -12.35
CA TYR A 194 -3.03 -5.47 -12.18
C TYR A 194 -4.12 -6.55 -12.07
N ILE A 195 -5.37 -6.12 -11.91
CA ILE A 195 -6.49 -7.04 -11.71
C ILE A 195 -6.85 -7.74 -13.03
N ALA A 196 -7.03 -9.05 -12.98
CA ALA A 196 -7.42 -9.84 -14.15
C ALA A 196 -8.88 -9.57 -14.50
N PRO A 197 -9.20 -9.54 -15.81
CA PRO A 197 -10.55 -9.20 -16.23
C PRO A 197 -11.63 -10.10 -15.63
N GLU A 198 -11.32 -11.38 -15.42
CA GLU A 198 -12.28 -12.34 -14.88
C GLU A 198 -12.65 -12.04 -13.41
N VAL A 199 -11.74 -11.44 -12.65
CA VAL A 199 -12.04 -10.98 -11.29
C VAL A 199 -13.12 -9.89 -11.28
N LEU A 200 -13.07 -9.02 -12.30
CA LEU A 200 -14.08 -7.98 -12.50
C LEU A 200 -15.50 -8.54 -12.68
N HIS A 201 -15.63 -9.66 -13.40
CA HIS A 201 -16.94 -10.27 -13.67
C HIS A 201 -17.40 -11.32 -12.69
N GLY A 202 -16.51 -11.81 -11.83
CA GLY A 202 -16.88 -12.64 -10.68
C GLY A 202 -16.52 -14.12 -10.68
N THR A 203 -16.21 -14.68 -11.86
CA THR A 203 -15.76 -16.07 -11.97
C THR A 203 -14.26 -16.07 -12.18
N TYR A 204 -13.51 -16.41 -11.13
CA TYR A 204 -12.07 -16.38 -11.21
C TYR A 204 -11.50 -17.53 -10.40
N ASP A 205 -10.27 -17.89 -10.75
CA ASP A 205 -9.53 -18.94 -10.11
C ASP A 205 -8.05 -18.51 -10.06
N GLU A 206 -7.14 -19.46 -9.82
CA GLU A 206 -5.73 -19.15 -9.62
C GLU A 206 -5.03 -18.54 -10.84
N LYS A 207 -5.55 -18.77 -12.04
CA LYS A 207 -4.98 -18.10 -13.22
C LYS A 207 -4.97 -16.56 -13.11
N CYS A 208 -5.80 -15.97 -12.25
CA CYS A 208 -5.80 -14.50 -12.08
C CYS A 208 -4.43 -13.99 -11.62
N ASP A 209 -3.70 -14.78 -10.83
CA ASP A 209 -2.33 -14.43 -10.41
C ASP A 209 -1.30 -14.48 -11.52
N VAL A 210 -1.50 -15.33 -12.52
CA VAL A 210 -0.63 -15.33 -13.69
C VAL A 210 -0.82 -14.05 -14.49
N TRP A 211 -2.07 -13.64 -14.68
CA TRP A 211 -2.38 -12.35 -15.29
C TRP A 211 -1.70 -11.17 -14.63
N SER A 212 -1.90 -11.00 -13.32
CA SER A 212 -1.25 -9.90 -12.57
C SER A 212 0.27 -9.89 -12.69
N THR A 213 0.87 -11.08 -12.72
CA THR A 213 2.32 -11.21 -12.90
C THR A 213 2.75 -10.78 -14.30
N GLY A 214 1.93 -11.08 -15.30
CA GLY A 214 2.19 -10.67 -16.67
C GLY A 214 2.16 -9.16 -16.85
N VAL A 215 1.20 -8.51 -16.22
CA VAL A 215 1.19 -7.05 -16.20
C VAL A 215 2.45 -6.51 -15.50
N ILE A 216 2.88 -7.14 -14.43
CA ILE A 216 4.07 -6.68 -13.71
C ILE A 216 5.31 -6.85 -14.60
N LEU A 217 5.43 -8.00 -15.26
CA LEU A 217 6.50 -8.23 -16.23
C LEU A 217 6.49 -7.19 -17.36
N TYR A 218 5.32 -6.96 -17.96
CA TYR A 218 5.18 -5.88 -18.95
C TYR A 218 5.73 -4.54 -18.42
N ILE A 219 5.48 -4.21 -17.16
CA ILE A 219 5.96 -2.95 -16.61
C ILE A 219 7.48 -2.97 -16.38
N LEU A 220 8.02 -4.11 -15.98
CA LEU A 220 9.47 -4.24 -15.79
C LEU A 220 10.25 -3.95 -17.08
N LEU A 221 9.72 -4.42 -18.21
CA LEU A 221 10.45 -4.34 -19.49
C LEU A 221 10.19 -3.03 -20.26
N SER A 222 9.07 -2.36 -19.99
CA SER A 222 8.76 -1.07 -20.64
C SER A 222 8.58 0.12 -19.70
N GLY A 223 8.29 -0.15 -18.42
CA GLY A 223 7.99 0.92 -17.47
C GLY A 223 6.65 1.62 -17.67
N CYS A 224 5.75 0.99 -18.42
CA CYS A 224 4.41 1.51 -18.67
C CYS A 224 3.40 0.39 -18.50
N PRO A 225 2.28 0.66 -17.80
CA PRO A 225 1.25 -0.39 -17.71
C PRO A 225 0.71 -0.75 -19.10
N PRO A 226 0.47 -2.06 -19.37
CA PRO A 226 -0.14 -2.42 -20.66
C PRO A 226 -1.57 -1.92 -20.78
N PHE A 227 -2.30 -1.86 -19.66
CA PHE A 227 -3.65 -1.26 -19.63
C PHE A 227 -3.66 0.01 -18.80
N ASN A 228 -3.75 1.14 -19.49
CA ASN A 228 -3.63 2.45 -18.87
C ASN A 228 -4.80 3.33 -19.23
N GLY A 229 -4.92 4.45 -18.52
CA GLY A 229 -6.01 5.38 -18.70
C GLY A 229 -5.90 6.53 -17.72
N ALA A 230 -6.75 7.55 -17.91
CA ALA A 230 -6.69 8.79 -17.13
C ALA A 230 -7.18 8.65 -15.69
N ASN A 231 -8.11 7.73 -15.44
CA ASN A 231 -8.62 7.47 -14.08
C ASN A 231 -8.89 5.97 -13.85
N GLU A 232 -9.36 5.62 -12.65
CA GLU A 232 -9.52 4.20 -12.32
C GLU A 232 -10.49 3.50 -13.28
N TYR A 233 -11.60 4.14 -13.63
CA TYR A 233 -12.61 3.47 -14.46
C TYR A 233 -12.12 3.27 -15.89
N ASP A 234 -11.40 4.25 -16.42
CA ASP A 234 -10.74 4.12 -17.73
C ASP A 234 -9.78 2.94 -17.80
N ILE A 235 -9.01 2.74 -16.75
CA ILE A 235 -8.07 1.62 -16.71
C ILE A 235 -8.84 0.29 -16.76
N LEU A 236 -9.86 0.17 -15.92
CA LEU A 236 -10.67 -1.05 -15.84
C LEU A 236 -11.36 -1.35 -17.19
N LYS A 237 -11.82 -0.32 -17.88
CA LYS A 237 -12.38 -0.50 -19.22
C LYS A 237 -11.38 -1.10 -20.19
N LYS A 238 -10.13 -0.65 -20.12
CA LYS A 238 -9.04 -1.23 -20.90
C LYS A 238 -8.74 -2.67 -20.49
N VAL A 239 -8.71 -2.93 -19.19
CA VAL A 239 -8.46 -4.30 -18.69
C VAL A 239 -9.54 -5.25 -19.20
N GLU A 240 -10.80 -4.83 -19.07
CA GLU A 240 -11.91 -5.68 -19.41
C GLU A 240 -11.97 -6.03 -20.91
N LYS A 241 -11.65 -5.06 -21.76
CA LYS A 241 -11.53 -5.31 -23.20
C LYS A 241 -10.35 -6.24 -23.48
N GLY A 242 -9.29 -6.11 -22.70
CA GLY A 242 -8.20 -7.10 -22.71
C GLY A 242 -7.13 -6.93 -23.77
N LYS A 243 -7.22 -5.85 -24.56
CA LYS A 243 -6.26 -5.62 -25.65
C LYS A 243 -5.09 -4.72 -25.21
N TYR A 244 -3.92 -5.00 -25.76
CA TYR A 244 -2.69 -4.25 -25.47
C TYR A 244 -1.69 -4.50 -26.58
N THR A 245 -0.66 -3.65 -26.68
CA THR A 245 0.34 -3.78 -27.73
C THR A 245 1.76 -3.64 -27.19
N PHE A 246 2.71 -4.09 -28.01
CA PHE A 246 4.13 -3.92 -27.78
C PHE A 246 4.66 -2.86 -28.75
N GLU A 247 3.85 -1.83 -29.02
CA GLU A 247 4.16 -0.85 -30.06
C GLU A 247 4.94 0.34 -29.53
N LEU A 248 5.24 0.35 -28.23
CA LEU A 248 6.06 1.42 -27.63
C LEU A 248 7.52 1.19 -28.03
N PRO A 249 8.25 2.28 -28.34
CA PRO A 249 9.57 2.06 -28.96
C PRO A 249 10.54 1.28 -28.09
N GLN A 250 10.38 1.33 -26.76
CA GLN A 250 11.27 0.57 -25.88
C GLN A 250 11.14 -0.96 -25.99
N TRP A 251 10.17 -1.45 -26.77
CA TRP A 251 10.01 -2.90 -26.99
C TRP A 251 10.94 -3.45 -28.04
N LYS A 252 11.38 -2.59 -28.97
CA LYS A 252 12.35 -2.98 -29.99
C LYS A 252 13.62 -3.54 -29.38
N LYS A 253 13.96 -3.08 -28.17
CA LYS A 253 15.15 -3.55 -27.44
C LYS A 253 14.94 -4.84 -26.62
N VAL A 254 13.74 -5.42 -26.65
CA VAL A 254 13.41 -6.60 -25.85
C VAL A 254 13.30 -7.88 -26.67
N SER A 255 13.71 -8.99 -26.07
CA SER A 255 13.68 -10.31 -26.72
C SER A 255 12.28 -10.72 -27.14
N GLU A 256 12.22 -11.51 -28.20
CA GLU A 256 10.95 -12.01 -28.71
C GLU A 256 10.30 -13.00 -27.74
N SER A 257 11.14 -13.80 -27.08
CA SER A 257 10.67 -14.83 -26.16
C SER A 257 10.06 -14.25 -24.89
N ALA A 258 10.43 -13.02 -24.53
CA ALA A 258 9.85 -12.32 -23.38
C ALA A 258 8.43 -11.87 -23.67
N LYS A 259 8.19 -11.40 -24.89
CA LYS A 259 6.86 -10.99 -25.33
C LYS A 259 5.96 -12.20 -25.43
N ASP A 260 6.46 -13.25 -26.06
CA ASP A 260 5.78 -14.53 -26.12
C ASP A 260 5.27 -14.97 -24.73
N LEU A 261 6.14 -14.87 -23.71
CA LEU A 261 5.72 -15.18 -22.34
C LEU A 261 4.61 -14.22 -21.88
N ILE A 262 4.80 -12.93 -22.11
CA ILE A 262 3.79 -11.94 -21.75
C ILE A 262 2.45 -12.22 -22.43
N ARG A 263 2.46 -12.56 -23.72
CA ARG A 263 1.22 -12.92 -24.43
C ARG A 263 0.53 -14.10 -23.79
N LYS A 264 1.29 -15.10 -23.39
CA LYS A 264 0.72 -16.26 -22.74
C LYS A 264 0.14 -15.95 -21.34
N MET A 265 0.82 -15.09 -20.58
CA MET A 265 0.35 -14.72 -19.23
C MET A 265 -0.85 -13.76 -19.29
N LEU A 266 -0.93 -12.97 -20.36
CA LEU A 266 -2.05 -12.06 -20.54
C LEU A 266 -3.05 -12.55 -21.59
N THR A 267 -3.24 -13.87 -21.65
CA THR A 267 -4.23 -14.47 -22.54
C THR A 267 -5.58 -14.32 -21.85
N TYR A 268 -6.57 -13.85 -22.61
CA TYR A 268 -7.83 -13.39 -22.03
C TYR A 268 -8.64 -14.51 -21.33
N VAL A 269 -8.90 -15.60 -22.03
CA VAL A 269 -9.66 -16.73 -21.48
C VAL A 269 -8.74 -17.50 -20.50
N PRO A 270 -9.11 -17.56 -19.20
CA PRO A 270 -8.20 -18.16 -18.21
C PRO A 270 -7.75 -19.59 -18.52
N SER A 271 -8.65 -20.43 -19.00
CA SER A 271 -8.29 -21.82 -19.32
C SER A 271 -7.24 -21.88 -20.46
N MET A 272 -7.13 -20.84 -21.27
CA MET A 272 -6.12 -20.79 -22.34
C MET A 272 -4.83 -20.13 -21.88
N ARG A 273 -4.88 -19.45 -20.74
CA ARG A 273 -3.74 -18.75 -20.19
C ARG A 273 -2.80 -19.77 -19.57
N ILE A 274 -1.51 -19.51 -19.73
CA ILE A 274 -0.48 -20.39 -19.21
C ILE A 274 -0.53 -20.45 -17.66
N SER A 275 -0.20 -21.60 -17.09
CA SER A 275 -0.10 -21.75 -15.64
C SER A 275 1.17 -21.13 -15.09
N ALA A 276 1.20 -20.91 -13.79
CA ALA A 276 2.40 -20.42 -13.12
C ALA A 276 3.51 -21.42 -13.30
N ARG A 277 3.22 -22.68 -13.02
CA ARG A 277 4.18 -23.76 -13.16
C ARG A 277 4.79 -23.79 -14.57
N ASP A 278 3.95 -23.74 -15.60
CA ASP A 278 4.45 -23.81 -16.98
C ASP A 278 5.22 -22.54 -17.38
N ALA A 279 4.84 -21.39 -16.82
CA ALA A 279 5.57 -20.14 -17.11
C ALA A 279 7.00 -20.19 -16.58
N LEU A 280 7.22 -20.96 -15.50
CA LEU A 280 8.58 -21.19 -14.99
C LEU A 280 9.46 -21.92 -15.99
N ASP A 281 8.86 -22.82 -16.77
CA ASP A 281 9.60 -23.58 -17.79
C ASP A 281 9.69 -22.87 -19.14
N HIS A 282 9.14 -21.66 -19.26
CA HIS A 282 9.17 -20.94 -20.55
C HIS A 282 10.59 -20.63 -20.95
N GLU A 283 10.88 -20.63 -22.25
CA GLU A 283 12.22 -20.32 -22.77
C GLU A 283 12.85 -19.12 -22.05
N TRP A 284 12.09 -18.03 -21.95
CA TRP A 284 12.58 -16.77 -21.41
C TRP A 284 13.13 -16.90 -20.03
N ILE A 285 12.36 -17.50 -19.12
CA ILE A 285 12.84 -17.73 -17.75
C ILE A 285 14.09 -18.63 -17.75
N GLN A 286 14.06 -19.67 -18.56
CA GLN A 286 15.18 -20.61 -18.69
C GLN A 286 16.44 -19.99 -19.30
N THR A 287 16.27 -19.11 -20.29
CA THR A 287 17.42 -18.50 -20.97
C THR A 287 18.05 -17.39 -20.11
N TYR A 288 17.21 -16.56 -19.51
CA TYR A 288 17.65 -15.32 -18.89
C TYR A 288 17.92 -15.40 -17.38
N THR A 289 17.77 -16.59 -16.79
CA THR A 289 18.18 -16.81 -15.40
C THR A 289 19.39 -17.73 -15.34
N LYS A 290 20.50 -17.27 -15.91
CA LYS A 290 21.77 -18.01 -15.88
C LYS A 290 22.94 -17.04 -15.67
N VAL A 297 23.09 -8.38 -23.89
CA VAL A 297 22.19 -8.12 -22.76
C VAL A 297 22.29 -6.67 -22.29
N PRO A 298 21.74 -5.73 -23.08
CA PRO A 298 21.83 -4.31 -22.76
C PRO A 298 20.96 -3.88 -21.57
N SER A 299 21.22 -2.69 -21.03
CA SER A 299 20.41 -2.10 -19.97
C SER A 299 19.18 -1.43 -20.57
N LEU A 300 18.03 -1.63 -19.92
CA LEU A 300 16.75 -1.07 -20.39
C LEU A 300 16.57 0.35 -19.83
N ASP A 301 17.40 1.27 -20.31
CA ASP A 301 17.44 2.65 -19.80
C ASP A 301 16.08 3.33 -19.81
N ASN A 302 15.41 3.27 -20.94
CA ASN A 302 14.09 3.91 -21.08
C ASN A 302 13.04 3.32 -20.14
N ALA A 303 13.13 2.01 -19.87
CA ALA A 303 12.23 1.35 -18.94
C ALA A 303 12.43 1.88 -17.51
N ILE A 304 13.67 1.95 -17.04
CA ILE A 304 13.99 2.51 -15.72
C ILE A 304 13.44 3.94 -15.56
N LEU A 305 13.62 4.74 -16.60
CA LEU A 305 13.14 6.11 -16.63
C LEU A 305 11.61 6.18 -16.46
N ASN A 306 10.90 5.29 -17.15
CA ASN A 306 9.45 5.25 -17.12
C ASN A 306 8.92 4.71 -15.80
N ILE A 307 9.61 3.71 -15.24
CA ILE A 307 9.28 3.13 -13.95
C ILE A 307 9.41 4.17 -12.85
N ARG A 308 10.50 4.94 -12.92
CA ARG A 308 10.78 6.01 -11.97
C ARG A 308 9.70 7.09 -12.02
N GLN A 309 9.30 7.48 -13.23
CA GLN A 309 8.19 8.43 -13.39
C GLN A 309 6.89 7.84 -12.85
N PHE A 310 6.67 6.56 -13.14
CA PHE A 310 5.43 5.89 -12.76
C PHE A 310 5.33 5.75 -11.23
N GLN A 311 6.43 5.35 -10.60
CA GLN A 311 6.49 5.25 -9.14
C GLN A 311 6.29 6.62 -8.50
N GLY A 312 6.94 7.65 -9.04
CA GLY A 312 6.80 9.02 -8.53
C GLY A 312 5.37 9.49 -8.58
N THR A 313 4.71 9.22 -9.70
CA THR A 313 3.29 9.60 -9.88
C THR A 313 2.36 8.91 -8.87
N GLN A 314 2.52 7.60 -8.69
CA GLN A 314 1.65 6.81 -7.80
C GLN A 314 1.81 7.23 -6.33
N LYS A 315 3.05 7.48 -5.92
CA LYS A 315 3.38 7.86 -4.55
C LYS A 315 2.88 9.27 -4.20
N LEU A 316 2.98 10.20 -5.14
CA LEU A 316 2.44 11.55 -4.91
C LEU A 316 0.91 11.52 -4.79
N ALA A 317 0.24 10.82 -5.70
CA ALA A 317 -1.22 10.67 -5.66
C ALA A 317 -1.67 10.05 -4.35
N GLN A 318 -0.98 9.00 -3.94
CA GLN A 318 -1.24 8.30 -2.68
C GLN A 318 -1.00 9.19 -1.46
N ALA A 319 0.12 9.90 -1.44
CA ALA A 319 0.42 10.86 -0.36
C ALA A 319 -0.61 12.00 -0.30
N ALA A 320 -1.08 12.45 -1.46
CA ALA A 320 -2.11 13.48 -1.50
C ALA A 320 -3.40 13.01 -0.82
N LEU A 321 -3.90 11.84 -1.20
CA LEU A 321 -5.14 11.30 -0.59
C LEU A 321 -4.98 11.01 0.92
N LEU A 322 -3.79 10.62 1.36
CA LEU A 322 -3.55 10.33 2.79
C LEU A 322 -3.46 11.60 3.62
N TYR A 323 -2.91 12.65 3.02
CA TYR A 323 -2.88 13.97 3.60
C TYR A 323 -4.31 14.51 3.85
N MET A 324 -5.16 14.44 2.83
CA MET A 324 -6.55 14.90 2.94
C MET A 324 -7.30 14.11 4.02
N GLY A 325 -7.12 12.79 4.04
CA GLY A 325 -7.70 11.94 5.08
C GLY A 325 -7.29 12.30 6.50
N SER A 326 -5.98 12.47 6.71
CA SER A 326 -5.43 12.83 8.02
C SER A 326 -5.97 14.15 8.51
N LYS A 327 -6.16 15.08 7.57
CA LYS A 327 -6.74 16.38 7.86
C LYS A 327 -8.22 16.27 8.26
N LEU A 328 -8.99 15.44 7.56
CA LEU A 328 -10.39 15.19 7.97
C LEU A 328 -10.46 14.44 9.31
N THR A 329 -9.58 13.45 9.48
CA THR A 329 -9.50 12.70 10.73
C THR A 329 -9.13 13.58 11.91
N SER A 330 -8.11 14.42 11.74
CA SER A 330 -7.68 15.32 12.80
C SER A 330 -8.71 16.40 13.09
N GLN A 331 -9.48 16.80 12.08
CA GLN A 331 -10.60 17.73 12.31
C GLN A 331 -11.69 17.09 13.18
N ASP A 332 -12.02 15.83 12.88
CA ASP A 332 -12.98 15.02 13.64
C ASP A 332 -12.49 14.81 15.09
N GLU A 333 -11.26 14.31 15.23
CA GLU A 333 -10.73 13.91 16.52
C GLU A 333 -10.35 15.07 17.47
N THR A 334 -9.98 16.23 16.93
CA THR A 334 -9.71 17.44 17.74
C THR A 334 -10.97 17.93 18.43
N LYS A 335 -12.04 18.06 17.67
CA LYS A 335 -13.34 18.44 18.19
C LYS A 335 -13.81 17.38 19.19
N GLU A 336 -13.60 16.10 18.86
CA GLU A 336 -14.04 15.01 19.74
C GLU A 336 -13.28 15.00 21.08
N LEU A 337 -11.99 15.24 21.03
CA LEU A 337 -11.15 15.17 22.22
C LEU A 337 -11.41 16.37 23.13
N THR A 338 -11.66 17.53 22.52
CA THR A 338 -11.99 18.74 23.24
C THR A 338 -13.29 18.62 24.05
N ALA A 339 -14.32 18.01 23.46
CA ALA A 339 -15.60 17.79 24.15
C ALA A 339 -15.47 16.77 25.28
N ILE A 340 -14.65 15.75 25.07
CA ILE A 340 -14.32 14.75 26.09
C ILE A 340 -13.58 15.41 27.25
N PHE A 341 -12.57 16.23 26.91
CA PHE A 341 -11.78 16.93 27.93
C PHE A 341 -12.57 18.02 28.63
N HIS A 342 -13.47 18.68 27.91
CA HIS A 342 -14.37 19.65 28.52
C HIS A 342 -15.26 19.01 29.55
N LYS A 343 -15.88 17.89 29.19
CA LYS A 343 -16.77 17.18 30.11
C LYS A 343 -16.01 16.63 31.32
N MET A 344 -14.77 16.20 31.10
CA MET A 344 -13.91 15.71 32.20
C MET A 344 -13.42 16.85 33.09
N ASP A 345 -13.45 18.08 32.58
CA ASP A 345 -13.10 19.26 33.36
C ASP A 345 -14.25 19.59 34.32
N LYS A 346 -14.40 18.76 35.36
CA LYS A 346 -15.46 18.93 36.36
C LYS A 346 -15.18 20.16 37.22
N ASN A 347 -13.93 20.61 37.19
CA ASN A 347 -13.52 21.87 37.83
C ASN A 347 -14.04 23.08 37.05
N GLY A 348 -14.04 22.97 35.72
CA GLY A 348 -14.38 24.09 34.85
C GLY A 348 -13.22 25.06 34.67
N ASP A 349 -12.06 24.70 35.21
CA ASP A 349 -10.91 25.61 35.27
C ASP A 349 -10.06 25.62 33.98
N GLY A 350 -10.41 24.79 33.01
CA GLY A 350 -9.68 24.70 31.74
C GLY A 350 -8.48 23.75 31.77
N GLN A 351 -8.26 23.09 32.91
CA GLN A 351 -7.07 22.27 33.13
C GLN A 351 -7.43 20.87 33.64
N LEU A 352 -6.50 19.94 33.43
CA LEU A 352 -6.69 18.55 33.83
C LEU A 352 -5.36 17.92 34.28
N ASP A 353 -5.45 16.87 35.10
CA ASP A 353 -4.28 16.10 35.51
C ASP A 353 -3.77 15.24 34.36
N ARG A 354 -2.63 14.59 34.58
CA ARG A 354 -2.13 13.56 33.66
C ARG A 354 -3.04 12.32 33.67
N ALA A 355 -3.61 12.01 34.83
CA ALA A 355 -4.48 10.83 34.99
C ALA A 355 -5.77 10.94 34.18
N GLU A 356 -6.41 12.11 34.26
CA GLU A 356 -7.63 12.38 33.53
C GLU A 356 -7.38 12.51 32.02
N LEU A 357 -6.26 13.15 31.65
CA LEU A 357 -5.85 13.26 30.24
C LEU A 357 -5.70 11.89 29.58
N ILE A 358 -5.21 10.92 30.35
CA ILE A 358 -5.10 9.53 29.90
C ILE A 358 -6.47 8.86 29.73
N GLU A 359 -7.39 9.08 30.67
CA GLU A 359 -8.76 8.53 30.60
C GLU A 359 -9.53 9.05 29.37
N GLY A 360 -9.40 10.36 29.09
CA GLY A 360 -10.01 10.98 27.92
C GLY A 360 -9.36 10.60 26.60
N TYR A 361 -8.03 10.58 26.56
CA TYR A 361 -7.32 10.10 25.38
C TYR A 361 -7.70 8.64 25.09
N LYS A 362 -7.73 7.80 26.14
CA LYS A 362 -8.18 6.40 26.02
C LYS A 362 -9.62 6.29 25.52
N GLU A 363 -10.48 7.17 26.03
CA GLU A 363 -11.89 7.21 25.61
C GLU A 363 -12.06 7.62 24.14
N LEU A 364 -11.18 8.49 23.66
CA LEU A 364 -11.13 8.87 22.24
C LEU A 364 -10.75 7.65 21.39
N MET A 365 -9.96 6.75 21.97
CA MET A 365 -9.44 5.57 21.27
C MET A 365 -10.46 4.41 21.22
N ARG A 366 -11.42 4.39 22.14
CA ARG A 366 -12.51 3.41 22.10
C ARG A 366 -13.48 3.74 20.97
N MET A 367 -13.98 4.98 20.98
CA MET A 367 -14.92 5.47 19.98
C MET A 367 -14.37 5.27 18.57
N LYS A 368 -13.16 5.78 18.34
CA LYS A 368 -12.49 5.64 17.05
C LYS A 368 -11.85 4.24 16.97
N GLY A 369 -11.37 3.87 15.79
CA GLY A 369 -10.77 2.54 15.59
C GLY A 369 -9.64 2.59 14.55
N GLN A 370 -8.80 3.61 14.63
CA GLN A 370 -7.72 3.84 13.66
C GLN A 370 -6.31 3.62 14.24
N ASP A 371 -6.14 3.82 15.54
CA ASP A 371 -4.82 3.70 16.18
C ASP A 371 -4.41 2.26 16.44
N ALA A 372 -3.84 1.63 15.41
CA ALA A 372 -3.18 0.34 15.57
C ALA A 372 -1.91 0.50 16.41
N SER A 373 -1.28 1.67 16.30
CA SER A 373 -0.02 1.96 16.99
C SER A 373 -0.16 2.06 18.51
N MET A 374 -1.39 2.19 19.01
CA MET A 374 -1.64 2.29 20.45
C MET A 374 -2.71 1.32 20.88
N LEU A 375 -2.52 0.04 20.56
CA LEU A 375 -3.48 -1.01 20.95
C LEU A 375 -3.02 -1.66 22.27
N ASP A 376 -2.82 -0.84 23.28
CA ASP A 376 -2.44 -1.28 24.62
C ASP A 376 -2.41 -0.07 25.58
N ALA A 377 -2.81 -0.29 26.83
CA ALA A 377 -2.92 0.80 27.83
C ALA A 377 -1.59 1.53 28.08
N SER A 378 -0.50 0.76 28.07
CA SER A 378 0.85 1.33 28.21
C SER A 378 1.28 2.20 27.02
N ALA A 379 0.78 1.91 25.82
CA ALA A 379 1.12 2.69 24.62
C ALA A 379 0.54 4.09 24.68
N VAL A 380 -0.65 4.20 25.24
CA VAL A 380 -1.35 5.49 25.36
C VAL A 380 -0.66 6.41 26.37
N GLU A 381 -0.18 5.83 27.47
CA GLU A 381 0.59 6.60 28.46
C GLU A 381 1.87 7.22 27.87
N HIS A 382 2.50 6.50 26.93
CA HIS A 382 3.75 6.97 26.32
C HIS A 382 3.54 8.07 25.31
N GLU A 383 2.48 7.98 24.51
CA GLU A 383 2.11 9.07 23.61
C GLU A 383 1.76 10.32 24.41
N VAL A 384 0.95 10.17 25.47
CA VAL A 384 0.61 11.30 26.36
C VAL A 384 1.88 11.95 26.93
N ASP A 385 2.82 11.14 27.41
CA ASP A 385 4.10 11.63 27.93
C ASP A 385 4.95 12.34 26.86
N GLN A 386 4.96 11.81 25.63
CA GLN A 386 5.61 12.51 24.51
C GLN A 386 4.98 13.88 24.22
N VAL A 387 3.67 14.01 24.42
CA VAL A 387 2.96 15.27 24.20
C VAL A 387 3.18 16.26 25.35
N LEU A 388 3.11 15.77 26.59
CA LEU A 388 3.35 16.61 27.77
C LEU A 388 4.76 17.22 27.75
N ASP A 389 5.73 16.46 27.26
CA ASP A 389 7.10 16.95 27.16
C ASP A 389 7.26 18.02 26.09
N ALA A 390 6.40 17.99 25.06
CA ALA A 390 6.31 19.07 24.07
C ALA A 390 5.41 20.19 24.60
N GLU A 400 -3.73 22.30 31.08
CA GLU A 400 -4.44 23.18 30.15
C GLU A 400 -4.80 22.46 28.85
N TYR A 401 -5.90 21.73 28.84
CA TYR A 401 -6.11 20.69 27.83
C TYR A 401 -6.11 21.18 26.38
N SER A 402 -6.39 22.46 26.15
CA SER A 402 -6.42 23.05 24.80
C SER A 402 -5.08 22.92 24.09
N GLU A 403 -4.00 23.26 24.79
CA GLU A 403 -2.65 23.16 24.23
C GLU A 403 -2.24 21.70 24.00
N PHE A 404 -2.58 20.83 24.94
CA PHE A 404 -2.34 19.38 24.79
C PHE A 404 -3.03 18.80 23.56
N VAL A 405 -4.24 19.29 23.28
CA VAL A 405 -5.01 18.82 22.12
C VAL A 405 -4.33 19.21 20.79
N THR A 406 -3.83 20.45 20.70
CA THR A 406 -3.14 20.90 19.49
C THR A 406 -1.93 20.03 19.20
N VAL A 407 -1.09 19.83 20.22
CA VAL A 407 0.15 19.07 20.05
C VAL A 407 -0.12 17.58 19.77
N ALA A 408 -1.06 16.97 20.50
CA ALA A 408 -1.40 15.55 20.28
C ALA A 408 -1.83 15.28 18.83
N MET A 409 -2.57 16.22 18.24
CA MET A 409 -3.13 16.06 16.88
C MET A 409 -2.22 16.53 15.75
N ASP A 410 -1.37 17.53 16.00
CA ASP A 410 -0.34 17.94 15.04
C ASP A 410 0.68 16.80 14.86
N ARG A 411 0.95 16.09 15.94
CA ARG A 411 1.76 14.87 15.93
C ARG A 411 1.25 13.82 14.94
N LYS A 412 -0.07 13.74 14.77
CA LYS A 412 -0.67 12.80 13.82
C LYS A 412 -0.49 13.28 12.38
N THR A 413 -0.87 14.54 12.14
CA THR A 413 -0.96 15.09 10.78
C THR A 413 0.39 15.38 10.14
N LEU A 414 1.34 15.89 10.93
CA LEU A 414 2.66 16.26 10.39
C LEU A 414 3.44 15.05 9.86
N LEU A 415 3.16 13.85 10.39
CA LEU A 415 3.71 12.61 9.83
C LEU A 415 3.30 12.44 8.37
N SER A 416 2.01 12.69 8.09
CA SER A 416 1.49 12.66 6.73
C SER A 416 1.82 13.93 5.92
N ARG A 417 2.03 15.05 6.61
CA ARG A 417 2.36 16.32 5.95
C ARG A 417 3.82 16.31 5.45
N GLU A 418 4.74 15.82 6.27
CA GLU A 418 6.13 15.73 5.85
C GLU A 418 6.25 14.76 4.67
N ARG A 419 5.46 13.69 4.70
CA ARG A 419 5.52 12.69 3.64
C ARG A 419 4.97 13.21 2.30
N LEU A 420 4.01 14.14 2.37
CA LEU A 420 3.46 14.80 1.20
C LEU A 420 4.54 15.62 0.49
N GLU A 421 5.22 16.46 1.28
CA GLU A 421 6.29 17.30 0.76
C GLU A 421 7.41 16.47 0.16
N ARG A 422 7.80 15.41 0.86
CA ARG A 422 8.81 14.48 0.38
C ARG A 422 8.38 13.87 -0.96
N ALA A 423 7.10 13.49 -1.08
CA ALA A 423 6.59 12.92 -2.33
C ALA A 423 6.54 13.96 -3.45
N PHE A 424 6.19 15.20 -3.11
CA PHE A 424 6.24 16.32 -4.06
C PHE A 424 7.68 16.51 -4.58
N ARG A 425 8.66 16.56 -3.66
CA ARG A 425 10.07 16.74 -4.08
C ARG A 425 10.56 15.58 -4.97
N MET A 426 10.13 14.38 -4.63
CA MET A 426 10.47 13.17 -5.39
C MET A 426 9.90 13.25 -6.81
N PHE A 427 8.64 13.68 -6.91
CA PHE A 427 7.95 13.81 -8.20
C PHE A 427 8.62 14.87 -9.06
N ASP A 428 9.02 15.98 -8.45
CA ASP A 428 9.70 17.07 -9.13
C ASP A 428 11.18 16.72 -9.39
N SER A 429 11.43 15.73 -10.25
CA SER A 429 12.77 15.18 -10.49
C SER A 429 13.81 16.17 -11.05
N ASP A 430 13.32 17.21 -11.72
CA ASP A 430 14.20 18.25 -12.26
CA ASP A 430 14.19 18.26 -12.26
C ASP A 430 14.45 19.41 -11.27
N ASN A 431 13.92 19.30 -10.05
CA ASN A 431 14.08 20.35 -9.04
C ASN A 431 13.63 21.74 -9.51
N SER A 432 12.60 21.80 -10.34
CA SER A 432 12.02 23.06 -10.79
C SER A 432 11.25 23.77 -9.68
N GLY A 433 10.76 23.02 -8.69
CA GLY A 433 9.89 23.54 -7.63
C GLY A 433 8.41 23.55 -7.97
N LYS A 434 8.07 23.19 -9.21
CA LYS A 434 6.72 23.36 -9.75
C LYS A 434 6.20 22.06 -10.37
N ILE A 435 4.87 21.87 -10.29
CA ILE A 435 4.17 20.81 -11.02
C ILE A 435 3.28 21.53 -12.05
N SER A 436 3.38 21.12 -13.31
CA SER A 436 2.58 21.71 -14.39
C SER A 436 1.13 21.24 -14.36
N SER A 437 0.31 21.87 -15.20
CA SER A 437 -1.11 21.52 -15.30
C SER A 437 -1.32 20.13 -15.86
N THR A 438 -0.47 19.74 -16.81
CA THR A 438 -0.53 18.39 -17.39
C THR A 438 -0.30 17.38 -16.27
N GLU A 439 0.70 17.68 -15.44
CA GLU A 439 1.09 16.80 -14.35
C GLU A 439 0.02 16.73 -13.26
N LEU A 440 -0.56 17.87 -12.87
CA LEU A 440 -1.67 17.84 -11.91
C LEU A 440 -2.81 16.96 -12.43
N ALA A 441 -3.10 17.07 -13.73
CA ALA A 441 -4.16 16.29 -14.35
C ALA A 441 -3.89 14.78 -14.22
N THR A 442 -2.66 14.36 -14.45
CA THR A 442 -2.23 12.98 -14.26
C THR A 442 -2.38 12.55 -12.80
N ILE A 443 -1.92 13.40 -11.88
CA ILE A 443 -1.94 13.11 -10.46
C ILE A 443 -3.37 13.06 -9.91
N PHE A 444 -4.20 14.03 -10.28
CA PHE A 444 -5.58 14.05 -9.85
C PHE A 444 -6.42 12.97 -10.54
N GLY A 445 -6.05 12.60 -11.76
CA GLY A 445 -6.65 11.45 -12.43
C GLY A 445 -6.42 10.15 -11.67
N VAL A 446 -5.16 9.91 -11.28
CA VAL A 446 -4.79 8.73 -10.48
C VAL A 446 -5.44 8.78 -9.08
N SER A 447 -5.67 9.99 -8.56
CA SER A 447 -6.29 10.19 -7.22
C SER A 447 -7.82 10.27 -7.27
N ASP A 448 -8.37 10.19 -8.48
CA ASP A 448 -9.83 10.23 -8.69
C ASP A 448 -10.47 11.51 -8.15
N VAL A 449 -9.76 12.63 -8.33
CA VAL A 449 -10.33 13.95 -8.05
C VAL A 449 -10.78 14.51 -9.39
N ASP A 450 -12.04 14.90 -9.43
CA ASP A 450 -12.71 15.32 -10.64
C ASP A 450 -12.02 16.55 -11.28
N SER A 451 -11.87 16.51 -12.61
CA SER A 451 -11.15 17.53 -13.36
C SER A 451 -11.68 18.95 -13.13
N GLU A 452 -12.99 19.13 -13.30
CA GLU A 452 -13.63 20.42 -12.99
C GLU A 452 -13.43 20.84 -11.54
N THR A 453 -13.44 19.88 -10.61
CA THR A 453 -13.34 20.19 -9.19
C THR A 453 -11.99 20.78 -8.81
N TRP A 454 -10.90 20.15 -9.23
CA TRP A 454 -9.59 20.68 -8.83
C TRP A 454 -9.19 21.95 -9.55
N LYS A 455 -9.63 22.16 -10.79
CA LYS A 455 -9.37 23.43 -11.52
C LYS A 455 -10.04 24.62 -10.82
N SER A 456 -11.28 24.42 -10.38
CA SER A 456 -12.01 25.40 -9.57
C SER A 456 -11.25 25.72 -8.28
N VAL A 457 -10.68 24.70 -7.64
CA VAL A 457 -9.88 24.90 -6.42
C VAL A 457 -8.63 25.72 -6.69
N LEU A 458 -7.94 25.44 -7.79
CA LEU A 458 -6.75 26.21 -8.21
C LEU A 458 -7.07 27.69 -8.45
N SER A 459 -8.19 27.95 -9.14
CA SER A 459 -8.66 29.31 -9.37
C SER A 459 -8.86 30.08 -8.06
N GLU A 460 -9.26 29.36 -7.02
CA GLU A 460 -9.53 29.95 -5.72
C GLU A 460 -8.23 30.19 -4.91
N VAL A 461 -7.19 29.42 -5.20
CA VAL A 461 -5.88 29.57 -4.55
C VAL A 461 -5.06 30.67 -5.21
N ASP A 462 -5.08 30.70 -6.55
CA ASP A 462 -4.31 31.65 -7.33
C ASP A 462 -5.08 32.02 -8.60
N LYS A 463 -5.77 33.15 -8.56
CA LYS A 463 -6.62 33.59 -9.66
C LYS A 463 -5.84 33.91 -10.95
N ASN A 464 -4.54 34.16 -10.83
CA ASN A 464 -3.69 34.51 -11.97
C ASN A 464 -2.74 33.38 -12.41
N ASN A 465 -2.88 32.19 -11.84
CA ASN A 465 -1.87 31.13 -12.04
C ASN A 465 -1.59 30.88 -13.54
N ASP A 466 -0.32 30.61 -13.86
CA ASP A 466 0.11 30.44 -15.24
C ASP A 466 0.44 28.98 -15.58
N GLY A 467 -0.41 28.05 -15.14
CA GLY A 467 -0.29 26.64 -15.50
C GLY A 467 0.69 25.82 -14.69
N GLU A 468 1.03 26.29 -13.49
CA GLU A 468 1.93 25.53 -12.63
C GLU A 468 1.74 25.95 -11.18
N VAL A 469 2.02 25.02 -10.28
CA VAL A 469 1.91 25.26 -8.85
C VAL A 469 3.19 24.86 -8.13
N ASP A 470 3.58 25.65 -7.14
CA ASP A 470 4.66 25.25 -6.23
C ASP A 470 4.05 24.37 -5.15
N PHE A 471 4.88 23.90 -4.24
CA PHE A 471 4.39 23.00 -3.21
C PHE A 471 3.28 23.57 -2.34
N ASP A 472 3.43 24.82 -1.88
CA ASP A 472 2.46 25.35 -0.92
C ASP A 472 1.09 25.57 -1.59
N GLU A 473 1.10 25.93 -2.86
CA GLU A 473 -0.13 26.06 -3.63
C GLU A 473 -0.80 24.68 -3.80
N PHE A 474 -0.02 23.67 -4.18
CA PHE A 474 -0.51 22.28 -4.23
C PHE A 474 -1.17 21.88 -2.91
N GLN A 475 -0.46 22.10 -1.82
CA GLN A 475 -0.99 21.80 -0.48
C GLN A 475 -2.28 22.57 -0.19
N GLN A 476 -2.29 23.86 -0.54
CA GLN A 476 -3.49 24.68 -0.40
C GLN A 476 -4.64 24.09 -1.19
N MET A 477 -4.37 23.57 -2.39
CA MET A 477 -5.44 22.96 -3.18
C MET A 477 -6.02 21.74 -2.47
N LEU A 478 -5.15 20.88 -1.93
CA LEU A 478 -5.62 19.67 -1.27
C LEU A 478 -6.47 20.02 -0.05
N LEU A 479 -6.06 21.06 0.66
CA LEU A 479 -6.81 21.55 1.82
C LEU A 479 -8.23 21.92 1.42
N LYS A 480 -8.38 22.62 0.31
CA LYS A 480 -9.71 22.99 -0.20
C LYS A 480 -10.52 21.78 -0.69
N LEU A 481 -9.82 20.75 -1.15
CA LEU A 481 -10.47 19.55 -1.62
C LEU A 481 -10.92 18.61 -0.49
N CYS A 482 -10.57 18.92 0.76
CA CYS A 482 -11.15 18.20 1.89
C CYS A 482 -11.85 19.16 2.83
N GLY A 483 -12.47 20.18 2.24
CA GLY A 483 -13.34 21.12 2.96
C GLY A 483 -12.65 21.98 4.01
N ASN A 484 -11.40 22.36 3.73
CA ASN A 484 -10.63 23.22 4.65
C ASN A 484 -9.97 24.37 3.88
CAJ C88 B . 4.65 -0.94 4.07
CAH C88 B . 5.04 -0.31 2.73
NAP C88 B . 4.16 -0.85 1.69
CAI C88 B . 4.40 -2.29 1.52
CAK C88 B . 4.05 -3.06 2.82
CAY C88 B . 4.76 -2.49 4.07
CAL C88 B . 4.08 -3.02 5.33
NAZ C88 B . 4.25 -4.46 5.66
NAO C88 B . 3.28 -5.23 5.71
C4 C88 B . 5.38 -5.07 6.03
N3 C88 B . 6.66 -4.65 6.16
C2 C88 B . 7.60 -5.50 6.51
N1 C88 B . 7.34 -6.78 6.79
C6 C88 B . 6.08 -7.25 6.70
NAC C88 B . 5.86 -8.53 6.98
C5 C88 B . 5.06 -6.39 6.31
CAV C88 B . 3.67 -6.46 6.07
CAS C88 B . 2.80 -7.54 6.25
CAG C88 B . 2.81 -8.25 7.46
CAR C88 B . 1.89 -9.28 7.70
CAB C88 B . 1.92 -10.09 8.98
CAU C88 B . 0.94 -9.60 6.73
OAQ C88 B . 0.09 -10.61 6.98
CAA C88 B . -0.97 -10.82 6.02
CAE C88 B . 0.91 -8.88 5.52
CAD C88 B . 1.82 -7.85 5.30
#